data_6NWD
#
_entry.id   6NWD
#
_cell.length_a   54.250
_cell.length_b   129.250
_cell.length_c   82.650
_cell.angle_alpha   90.000
_cell.angle_beta   90.000
_cell.angle_gamma   90.000
#
_symmetry.space_group_name_H-M   'C 2 2 21'
#
loop_
_entity.id
_entity.type
_entity.pdbx_description
1 polymer 'Gll0198 protein'
2 non-polymer RETINAL
3 non-polymer 1,2-DIMYRISTOYL-SN-GLYCERO-3-PHOSPHOCHOLINE
4 non-polymer DECANE
5 non-polymer DODECANE
6 water water
#
_entity_poly.entity_id   1
_entity_poly.type   'polypeptide(L)'
_entity_poly.pdbx_seq_one_letter_code
;MLMTVFSSAPELALLGSTFAQVDPSNLSVSDSLTYGQFNLVYNAFSFAIAAMFASALFFFSAQALVGQRYRLALLVSAIV
VSIAGYHYFRIFNSWDAAYVLENGVYSLTSEKFNDAYRYVDWLLTVPLLLVETVAVLTLPAKEARPLLIKLTVASVLMIA
TGYPGEISDDITTRIIWGTVSTIPFAYILYVLWVELSRSLVRQPAAVQTLVRNMRWLLLLSWGVYPIAYLLPMLGVSGTS
AAVGVQVGYTIADVLAKPVFGLLVFAIALVKTKADQESSEPHAAIGAAANKSGGSLIS
;
_entity_poly.pdbx_strand_id   A
#
# COMPACT_ATOMS: atom_id res chain seq x y z
N ASP A 31 8.36 -23.59 9.76
CA ASP A 31 9.56 -24.42 9.79
C ASP A 31 10.79 -23.60 9.47
N SER A 32 11.94 -24.26 9.36
CA SER A 32 13.19 -23.56 9.12
C SER A 32 13.23 -22.99 7.71
N LEU A 33 14.05 -21.96 7.53
CA LEU A 33 14.17 -21.25 6.26
C LEU A 33 15.58 -21.41 5.70
N THR A 34 15.67 -21.56 4.40
CA THR A 34 16.98 -21.63 3.76
C THR A 34 17.67 -20.27 3.83
N TYR A 35 18.96 -20.28 3.48
CA TYR A 35 19.71 -19.04 3.32
C TYR A 35 18.97 -18.08 2.41
N GLY A 36 18.68 -18.51 1.18
CA GLY A 36 18.12 -17.60 0.20
C GLY A 36 16.74 -17.10 0.58
N GLN A 37 15.98 -17.88 1.35
CA GLN A 37 14.64 -17.46 1.72
C GLN A 37 14.67 -16.36 2.77
N PHE A 38 15.50 -16.54 3.81
CA PHE A 38 15.61 -15.51 4.84
C PHE A 38 16.14 -14.21 4.26
N ASN A 39 17.09 -14.28 3.34
CA ASN A 39 17.66 -13.07 2.79
C ASN A 39 16.66 -12.32 1.91
N LEU A 40 15.87 -13.06 1.12
CA LEU A 40 14.91 -12.43 0.22
C LEU A 40 13.95 -11.54 0.99
N VAL A 41 13.46 -12.02 2.14
CA VAL A 41 12.58 -11.21 2.98
C VAL A 41 13.38 -10.10 3.67
N TYR A 42 14.54 -10.47 4.23
CA TYR A 42 15.43 -9.50 4.86
C TYR A 42 15.75 -8.34 3.92
N ASN A 43 16.11 -8.66 2.68
CA ASN A 43 16.39 -7.63 1.69
C ASN A 43 15.14 -6.84 1.34
N ALA A 44 13.99 -7.52 1.24
CA ALA A 44 12.75 -6.82 0.87
C ALA A 44 12.39 -5.76 1.91
N PHE A 45 12.53 -6.09 3.19
CA PHE A 45 12.21 -5.12 4.24
C PHE A 45 13.23 -4.00 4.28
N SER A 46 14.51 -4.31 4.08
CA SER A 46 15.53 -3.26 4.04
C SER A 46 15.26 -2.30 2.88
N PHE A 47 14.92 -2.84 1.71
CA PHE A 47 14.64 -1.99 0.55
C PHE A 47 13.44 -1.09 0.82
N ALA A 48 12.44 -1.60 1.55
CA ALA A 48 11.24 -0.82 1.82
C ALA A 48 11.53 0.35 2.76
N ILE A 49 12.35 0.12 3.79
CA ILE A 49 12.74 1.20 4.69
C ILE A 49 13.40 2.33 3.92
N ALA A 50 14.32 1.99 3.03
CA ALA A 50 15.03 3.01 2.26
C ALA A 50 14.08 3.76 1.33
N ALA A 51 13.18 3.02 0.65
CA ALA A 51 12.27 3.66 -0.29
C ALA A 51 11.29 4.59 0.40
N MET A 52 10.80 4.19 1.58
CA MET A 52 9.81 5.01 2.28
C MET A 52 10.43 6.29 2.81
N PHE A 53 11.60 6.18 3.44
CA PHE A 53 12.20 7.35 4.08
C PHE A 53 12.80 8.31 3.05
N ALA A 54 13.38 7.78 1.98
CA ALA A 54 13.89 8.65 0.92
C ALA A 54 12.74 9.38 0.22
N SER A 55 11.63 8.68 -0.03
CA SER A 55 10.49 9.33 -0.66
C SER A 55 9.83 10.33 0.28
N ALA A 56 9.88 10.06 1.59
CA ALA A 56 9.33 11.02 2.56
C ALA A 56 10.03 12.36 2.46
N LEU A 57 11.37 12.34 2.37
CA LEU A 57 12.12 13.57 2.19
C LEU A 57 11.78 14.25 0.87
N PHE A 58 11.61 13.47 -0.20
CA PHE A 58 11.29 14.05 -1.49
C PHE A 58 9.93 14.72 -1.48
N PHE A 59 8.90 14.01 -1.00
CA PHE A 59 7.54 14.54 -1.03
C PHE A 59 7.40 15.77 -0.15
N PHE A 60 8.03 15.75 1.04
CA PHE A 60 7.98 16.92 1.91
C PHE A 60 8.58 18.15 1.23
N SER A 61 9.74 17.99 0.59
CA SER A 61 10.39 19.12 -0.05
C SER A 61 9.68 19.52 -1.34
N ALA A 62 9.04 18.57 -2.02
CA ALA A 62 8.37 18.85 -3.27
C ALA A 62 7.14 19.73 -3.11
N GLN A 63 6.67 19.96 -1.88
CA GLN A 63 5.61 20.92 -1.63
C GLN A 63 5.95 22.27 -2.25
N ALA A 64 7.23 22.65 -2.23
CA ALA A 64 7.68 23.94 -2.72
C ALA A 64 7.65 24.05 -4.24
N LEU A 65 7.45 22.95 -4.95
CA LEU A 65 7.44 22.97 -6.41
C LEU A 65 6.04 23.04 -6.99
N VAL A 66 4.99 22.93 -6.16
CA VAL A 66 3.63 22.95 -6.63
C VAL A 66 2.89 24.12 -5.99
N GLY A 67 1.79 24.51 -6.62
CA GLY A 67 0.97 25.59 -6.08
C GLY A 67 0.41 25.25 -4.72
N GLN A 68 0.00 26.30 -4.00
CA GLN A 68 -0.49 26.15 -2.63
C GLN A 68 -1.70 25.21 -2.57
N ARG A 69 -2.54 25.21 -3.60
CA ARG A 69 -3.76 24.41 -3.56
C ARG A 69 -3.48 22.91 -3.59
N TYR A 70 -2.29 22.49 -4.00
CA TYR A 70 -1.97 21.07 -4.12
C TYR A 70 -0.92 20.61 -3.12
N ARG A 71 -0.52 21.46 -2.18
CA ARG A 71 0.55 21.09 -1.25
C ARG A 71 0.05 20.09 -0.21
N LEU A 72 -1.24 20.09 0.09
CA LEU A 72 -1.77 19.14 1.06
C LEU A 72 -1.61 17.70 0.57
N ALA A 73 -1.80 17.47 -0.74
CA ALA A 73 -1.62 16.12 -1.27
C ALA A 73 -0.17 15.67 -1.15
N LEU A 74 0.78 16.58 -1.37
CA LEU A 74 2.18 16.23 -1.20
C LEU A 74 2.53 15.96 0.25
N LEU A 75 1.97 16.75 1.17
CA LEU A 75 2.25 16.55 2.59
C LEU A 75 1.70 15.22 3.08
N VAL A 76 0.46 14.90 2.70
CA VAL A 76 -0.14 13.63 3.10
C VAL A 76 0.67 12.46 2.55
N SER A 77 1.16 12.60 1.31
CA SER A 77 2.01 11.55 0.74
C SER A 77 3.28 11.37 1.56
N ALA A 78 3.88 12.47 2.02
CA ALA A 78 5.05 12.36 2.89
C ALA A 78 4.71 11.69 4.21
N ILE A 79 3.53 11.99 4.76
CA ILE A 79 3.10 11.37 6.01
C ILE A 79 2.87 9.88 5.81
N VAL A 80 2.27 9.50 4.67
CA VAL A 80 1.98 8.09 4.40
C VAL A 80 3.25 7.26 4.45
N VAL A 81 4.26 7.67 3.67
CA VAL A 81 5.49 6.89 3.60
C VAL A 81 6.33 7.00 4.87
N SER A 82 6.17 8.07 5.65
CA SER A 82 6.86 8.12 6.94
C SER A 82 6.29 7.10 7.90
N ILE A 83 4.96 6.97 7.93
CA ILE A 83 4.33 5.98 8.79
C ILE A 83 4.73 4.57 8.34
N ALA A 84 4.63 4.32 7.03
CA ALA A 84 5.02 3.01 6.49
C ALA A 84 6.49 2.72 6.76
N GLY A 85 7.34 3.75 6.66
CA GLY A 85 8.74 3.55 6.98
C GLY A 85 8.96 3.15 8.43
N TYR A 86 8.22 3.77 9.35
CA TYR A 86 8.32 3.39 10.76
C TYR A 86 7.95 1.93 10.95
N HIS A 87 6.83 1.51 10.35
CA HIS A 87 6.37 0.13 10.53
C HIS A 87 7.30 -0.87 9.86
N TYR A 88 7.87 -0.53 8.70
CA TYR A 88 8.82 -1.45 8.09
C TYR A 88 10.11 -1.56 8.90
N PHE A 89 10.46 -0.49 9.63
CA PHE A 89 11.57 -0.59 10.57
C PHE A 89 11.24 -1.59 11.68
N ARG A 90 10.01 -1.52 12.20
CA ARG A 90 9.58 -2.49 13.20
C ARG A 90 9.41 -3.87 12.60
N ILE A 91 8.90 -3.94 11.36
CA ILE A 91 8.76 -5.23 10.67
C ILE A 91 10.12 -5.86 10.42
N PHE A 92 11.09 -5.04 10.00
CA PHE A 92 12.46 -5.53 9.80
C PHE A 92 13.04 -6.13 11.08
N ASN A 93 12.82 -5.47 12.22
CA ASN A 93 13.36 -5.97 13.48
C ASN A 93 12.64 -7.24 13.92
N SER A 94 11.33 -7.33 13.67
CA SER A 94 10.59 -8.53 14.03
C SER A 94 11.06 -9.73 13.22
N TRP A 95 11.34 -9.53 11.93
CA TRP A 95 11.86 -10.60 11.10
C TRP A 95 13.25 -11.00 11.56
N ASP A 96 14.12 -10.02 11.81
CA ASP A 96 15.48 -10.29 12.23
C ASP A 96 15.51 -11.08 13.53
N ALA A 97 14.59 -10.81 14.45
CA ALA A 97 14.57 -11.46 15.76
C ALA A 97 13.84 -12.79 15.77
N ALA A 98 13.13 -13.15 14.68
CA ALA A 98 12.35 -14.37 14.64
C ALA A 98 13.14 -15.60 14.25
N TYR A 99 14.25 -15.44 13.52
CA TYR A 99 15.07 -16.56 13.07
C TYR A 99 16.49 -16.40 13.59
N VAL A 100 17.22 -17.52 13.62
CA VAL A 100 18.60 -17.54 14.10
C VAL A 100 19.41 -18.44 13.17
N LEU A 101 20.59 -17.99 12.77
CA LEU A 101 21.46 -18.74 11.88
C LEU A 101 22.21 -19.80 12.67
N GLU A 102 21.94 -21.07 12.37
CA GLU A 102 22.65 -22.17 13.00
C GLU A 102 22.62 -23.37 12.06
N ASN A 103 23.71 -24.14 12.05
CA ASN A 103 23.84 -25.33 11.21
C ASN A 103 23.65 -25.01 9.74
N GLY A 104 24.04 -23.80 9.32
CA GLY A 104 23.93 -23.40 7.93
C GLY A 104 22.53 -23.01 7.48
N VAL A 105 21.55 -23.04 8.38
CA VAL A 105 20.17 -22.68 8.06
C VAL A 105 19.69 -21.66 9.09
N TYR A 106 18.45 -21.20 8.91
CA TYR A 106 17.77 -20.31 9.85
C TYR A 106 16.66 -21.08 10.53
N SER A 107 16.79 -21.29 11.84
CA SER A 107 15.75 -21.95 12.63
C SER A 107 14.88 -20.92 13.33
N LEU A 108 13.62 -21.28 13.49
CA LEU A 108 12.65 -20.39 14.14
C LEU A 108 13.00 -20.22 15.61
N THR A 109 13.03 -18.97 16.07
CA THR A 109 13.34 -18.67 17.46
C THR A 109 12.07 -18.71 18.29
N SER A 110 12.12 -18.14 19.50
CA SER A 110 10.95 -18.11 20.37
C SER A 110 10.02 -16.94 20.02
N GLU A 111 10.58 -15.80 19.66
CA GLU A 111 9.76 -14.65 19.27
C GLU A 111 9.16 -14.90 17.89
N LYS A 112 7.84 -14.96 17.83
CA LYS A 112 7.15 -15.17 16.57
C LYS A 112 7.04 -13.87 15.79
N PHE A 113 7.03 -13.99 14.46
CA PHE A 113 6.93 -12.80 13.61
C PHE A 113 5.60 -12.11 13.82
N ASN A 114 5.63 -10.78 13.84
CA ASN A 114 4.46 -9.97 14.15
C ASN A 114 3.76 -9.62 12.84
N ASP A 115 2.73 -10.40 12.50
CA ASP A 115 1.93 -10.11 11.31
C ASP A 115 1.04 -8.89 11.47
N ALA A 116 0.90 -8.36 12.69
CA ALA A 116 -0.03 -7.28 12.94
C ALA A 116 0.53 -5.91 12.54
N TYR A 117 1.85 -5.75 12.57
CA TYR A 117 2.47 -4.48 12.18
C TYR A 117 1.96 -4.01 10.81
N ARG A 118 1.94 -4.92 9.84
CA ARG A 118 1.53 -4.54 8.49
C ARG A 118 0.05 -4.14 8.43
N TYR A 119 -0.81 -4.91 9.10
CA TYR A 119 -2.24 -4.62 9.05
C TYR A 119 -2.58 -3.36 9.84
N VAL A 120 -1.88 -3.12 10.95
CA VAL A 120 -2.04 -1.85 11.65
C VAL A 120 -1.56 -0.69 10.78
N ASP A 121 -0.47 -0.89 10.06
CA ASP A 121 0.01 0.14 9.12
C ASP A 121 -1.03 0.43 8.05
N TRP A 122 -1.63 -0.63 7.48
CA TRP A 122 -2.64 -0.44 6.45
C TRP A 122 -3.84 0.35 6.98
N LEU A 123 -4.26 0.06 8.21
CA LEU A 123 -5.43 0.74 8.77
C LEU A 123 -5.23 2.25 8.84
N LEU A 124 -3.98 2.69 9.00
CA LEU A 124 -3.70 4.12 9.13
C LEU A 124 -3.38 4.79 7.80
N THR A 125 -2.67 4.10 6.91
CA THR A 125 -2.16 4.72 5.69
C THR A 125 -3.13 4.65 4.52
N VAL A 126 -3.93 3.58 4.43
CA VAL A 126 -4.89 3.47 3.33
C VAL A 126 -5.90 4.61 3.36
N PRO A 127 -6.50 4.98 4.50
CA PRO A 127 -7.35 6.18 4.50
C PRO A 127 -6.60 7.44 4.11
N LEU A 128 -5.32 7.55 4.50
CA LEU A 128 -4.52 8.70 4.10
C LEU A 128 -4.24 8.69 2.60
N LEU A 129 -4.01 7.50 2.03
CA LEU A 129 -3.86 7.40 0.58
C LEU A 129 -5.12 7.86 -0.13
N LEU A 130 -6.29 7.56 0.45
CA LEU A 130 -7.55 8.02 -0.13
C LEU A 130 -7.68 9.53 -0.05
N VAL A 131 -7.19 10.13 1.03
CA VAL A 131 -7.19 11.59 1.15
C VAL A 131 -6.32 12.19 0.06
N GLU A 132 -5.08 11.71 -0.06
CA GLU A 132 -4.16 12.17 -1.09
C GLU A 132 -4.78 12.10 -2.48
N THR A 133 -5.52 11.03 -2.77
CA THR A 133 -6.13 10.86 -4.07
C THR A 133 -7.21 11.91 -4.31
N VAL A 134 -8.10 12.10 -3.33
CA VAL A 134 -9.17 13.09 -3.48
C VAL A 134 -8.60 14.50 -3.46
N ALA A 135 -7.51 14.72 -2.73
CA ALA A 135 -7.01 16.08 -2.52
C ALA A 135 -6.45 16.67 -3.81
N VAL A 136 -5.69 15.88 -4.59
CA VAL A 136 -5.09 16.39 -5.81
C VAL A 136 -6.09 16.59 -6.93
N LEU A 137 -7.29 16.04 -6.82
CA LEU A 137 -8.35 16.25 -7.80
C LEU A 137 -9.14 17.52 -7.56
N THR A 138 -9.00 18.13 -6.39
CA THR A 138 -9.69 19.38 -6.02
C THR A 138 -11.20 19.28 -6.29
N LEU A 139 -11.85 18.41 -5.49
CA LEU A 139 -13.30 18.32 -5.49
C LEU A 139 -13.90 19.26 -4.45
N PRO A 140 -15.15 19.69 -4.63
CA PRO A 140 -15.78 20.53 -3.61
C PRO A 140 -16.06 19.73 -2.34
N ALA A 141 -16.11 20.46 -1.22
CA ALA A 141 -16.18 19.80 0.09
C ALA A 141 -17.47 19.00 0.24
N LYS A 142 -18.58 19.52 -0.31
CA LYS A 142 -19.86 18.83 -0.19
C LYS A 142 -19.82 17.43 -0.81
N GLU A 143 -18.95 17.24 -1.80
CA GLU A 143 -18.77 15.94 -2.44
C GLU A 143 -17.56 15.19 -1.90
N ALA A 144 -16.46 15.90 -1.61
CA ALA A 144 -15.25 15.22 -1.15
C ALA A 144 -15.46 14.54 0.20
N ARG A 145 -16.25 15.14 1.08
CA ARG A 145 -16.37 14.60 2.44
C ARG A 145 -17.14 13.29 2.48
N PRO A 146 -18.35 13.17 1.91
CA PRO A 146 -19.02 11.86 1.97
C PRO A 146 -18.32 10.80 1.15
N LEU A 147 -17.67 11.17 0.06
CA LEU A 147 -16.85 10.22 -0.69
C LEU A 147 -15.74 9.65 0.18
N LEU A 148 -15.10 10.50 0.99
CA LEU A 148 -13.97 10.04 1.80
C LEU A 148 -14.45 9.12 2.93
N ILE A 149 -15.60 9.43 3.54
CA ILE A 149 -16.10 8.64 4.65
C ILE A 149 -16.45 7.23 4.18
N LYS A 150 -17.16 7.14 3.05
CA LYS A 150 -17.56 5.83 2.52
C LYS A 150 -16.35 4.99 2.15
N LEU A 151 -15.34 5.62 1.52
CA LEU A 151 -14.14 4.88 1.15
C LEU A 151 -13.33 4.48 2.38
N THR A 152 -13.25 5.36 3.39
CA THR A 152 -12.51 5.04 4.60
C THR A 152 -13.18 3.91 5.36
N VAL A 153 -14.51 3.94 5.48
CA VAL A 153 -15.21 2.85 6.16
C VAL A 153 -15.00 1.54 5.42
N ALA A 154 -15.02 1.58 4.09
CA ALA A 154 -14.81 0.36 3.31
C ALA A 154 -13.41 -0.19 3.52
N SER A 155 -12.40 0.68 3.58
CA SER A 155 -11.02 0.22 3.74
C SER A 155 -10.82 -0.43 5.11
N VAL A 156 -11.46 0.11 6.14
CA VAL A 156 -11.38 -0.51 7.47
C VAL A 156 -12.01 -1.89 7.45
N LEU A 157 -13.18 -2.02 6.83
CA LEU A 157 -13.81 -3.34 6.70
C LEU A 157 -12.92 -4.30 5.92
N MET A 158 -12.30 -3.81 4.84
CA MET A 158 -11.44 -4.66 4.02
C MET A 158 -10.26 -5.18 4.82
N ILE A 159 -9.58 -4.29 5.54
CA ILE A 159 -8.39 -4.68 6.29
C ILE A 159 -8.79 -5.55 7.49
N ALA A 160 -9.89 -5.20 8.16
CA ALA A 160 -10.28 -5.93 9.37
C ALA A 160 -10.71 -7.36 9.04
N THR A 161 -11.42 -7.56 7.93
CA THR A 161 -11.84 -8.92 7.59
C THR A 161 -10.69 -9.74 7.02
N GLY A 162 -9.68 -9.09 6.46
CA GLY A 162 -8.54 -9.82 5.92
C GLY A 162 -7.63 -10.40 6.98
N TYR A 163 -7.53 -9.74 8.13
CA TYR A 163 -6.55 -10.16 9.14
C TYR A 163 -6.80 -11.57 9.68
N PRO A 164 -8.01 -11.97 10.07
CA PRO A 164 -8.18 -13.34 10.58
C PRO A 164 -7.84 -14.40 9.55
N GLY A 165 -8.10 -14.13 8.27
CA GLY A 165 -7.67 -15.06 7.24
C GLY A 165 -6.18 -15.06 7.02
N GLU A 166 -5.53 -13.92 7.24
CA GLU A 166 -4.08 -13.83 7.05
C GLU A 166 -3.34 -14.70 8.06
N ILE A 167 -3.80 -14.69 9.32
CA ILE A 167 -3.08 -15.36 10.40
C ILE A 167 -3.51 -16.81 10.61
N SER A 168 -4.47 -17.30 9.83
CA SER A 168 -4.95 -18.66 10.04
C SER A 168 -3.94 -19.68 9.52
N ASP A 169 -3.89 -20.84 10.19
CA ASP A 169 -3.14 -21.99 9.71
C ASP A 169 -4.02 -22.93 8.90
N ASP A 170 -5.24 -22.52 8.57
CA ASP A 170 -6.23 -23.35 7.91
C ASP A 170 -6.63 -22.72 6.59
N ILE A 171 -6.59 -23.52 5.50
CA ILE A 171 -6.77 -22.98 4.17
C ILE A 171 -8.22 -22.56 3.94
N THR A 172 -9.18 -23.35 4.42
CA THR A 172 -10.58 -22.98 4.26
C THR A 172 -10.88 -21.64 4.93
N THR A 173 -10.34 -21.43 6.13
CA THR A 173 -10.53 -20.15 6.81
C THR A 173 -9.92 -19.01 6.01
N ARG A 174 -8.73 -19.24 5.43
CA ARG A 174 -8.08 -18.19 4.64
C ARG A 174 -8.91 -17.80 3.43
N ILE A 175 -9.61 -18.77 2.82
CA ILE A 175 -10.40 -18.48 1.64
C ILE A 175 -11.67 -17.72 2.02
N ILE A 176 -12.29 -18.06 3.15
CA ILE A 176 -13.57 -17.45 3.51
C ILE A 176 -13.38 -15.99 3.88
N TRP A 177 -12.45 -15.70 4.79
CA TRP A 177 -12.22 -14.31 5.19
C TRP A 177 -11.71 -13.48 4.02
N GLY A 178 -10.84 -14.06 3.20
CA GLY A 178 -10.31 -13.33 2.05
C GLY A 178 -11.37 -13.02 1.01
N THR A 179 -12.33 -13.92 0.81
CA THR A 179 -13.42 -13.65 -0.12
C THR A 179 -14.31 -12.53 0.39
N VAL A 180 -14.59 -12.52 1.69
CA VAL A 180 -15.35 -11.41 2.29
C VAL A 180 -14.61 -10.10 2.12
N SER A 181 -13.28 -10.13 2.28
CA SER A 181 -12.50 -8.91 2.17
C SER A 181 -12.51 -8.35 0.75
N THR A 182 -12.73 -9.22 -0.26
CA THR A 182 -12.78 -8.76 -1.64
C THR A 182 -13.97 -7.86 -1.93
N ILE A 183 -15.02 -7.93 -1.11
CA ILE A 183 -16.24 -7.15 -1.36
C ILE A 183 -15.98 -5.66 -1.19
N PRO A 184 -15.50 -5.18 -0.02
CA PRO A 184 -15.18 -3.74 0.05
C PRO A 184 -14.01 -3.36 -0.84
N PHE A 185 -13.10 -4.30 -1.11
CA PHE A 185 -12.00 -4.07 -2.03
C PHE A 185 -12.53 -3.70 -3.42
N ALA A 186 -13.49 -4.46 -3.93
CA ALA A 186 -14.06 -4.17 -5.24
C ALA A 186 -14.85 -2.86 -5.22
N TYR A 187 -15.52 -2.58 -4.09
CA TYR A 187 -16.26 -1.33 -3.96
C TYR A 187 -15.33 -0.13 -4.06
N ILE A 188 -14.19 -0.18 -3.38
CA ILE A 188 -13.26 0.95 -3.39
C ILE A 188 -12.72 1.20 -4.80
N LEU A 189 -12.28 0.13 -5.48
CA LEU A 189 -11.69 0.28 -6.80
C LEU A 189 -12.72 0.75 -7.82
N TYR A 190 -13.96 0.25 -7.71
CA TYR A 190 -15.01 0.71 -8.62
C TYR A 190 -15.32 2.18 -8.41
N VAL A 191 -15.50 2.59 -7.15
CA VAL A 191 -15.82 3.98 -6.84
C VAL A 191 -14.69 4.91 -7.29
N LEU A 192 -13.44 4.51 -7.05
CA LEU A 192 -12.32 5.36 -7.44
C LEU A 192 -12.19 5.45 -8.95
N TRP A 193 -12.44 4.36 -9.67
CA TRP A 193 -12.38 4.40 -11.13
C TRP A 193 -13.42 5.38 -11.69
N VAL A 194 -14.63 5.34 -11.16
CA VAL A 194 -15.70 6.21 -11.65
C VAL A 194 -15.38 7.66 -11.34
N GLU A 195 -14.99 7.95 -10.09
CA GLU A 195 -14.71 9.31 -9.68
C GLU A 195 -13.54 9.90 -10.47
N LEU A 196 -12.47 9.12 -10.67
CA LEU A 196 -11.35 9.59 -11.47
C LEU A 196 -11.76 9.83 -12.91
N SER A 197 -12.62 8.96 -13.45
CA SER A 197 -13.10 9.14 -14.81
C SER A 197 -13.97 10.39 -14.93
N ARG A 198 -14.80 10.65 -13.92
CA ARG A 198 -15.66 11.82 -13.96
C ARG A 198 -14.87 13.11 -13.80
N SER A 199 -13.72 13.07 -13.14
CA SER A 199 -12.91 14.27 -12.99
C SER A 199 -12.19 14.65 -14.28
N LEU A 200 -12.12 13.72 -15.24
CA LEU A 200 -11.37 13.97 -16.46
C LEU A 200 -11.94 15.15 -17.25
N VAL A 201 -13.26 15.32 -17.20
CA VAL A 201 -13.92 16.22 -18.14
C VAL A 201 -13.42 17.65 -17.96
N ARG A 202 -13.28 18.35 -19.10
CA ARG A 202 -12.87 19.75 -19.18
C ARG A 202 -11.37 19.95 -18.93
N GLN A 203 -10.74 19.04 -18.19
CA GLN A 203 -9.35 19.23 -17.79
C GLN A 203 -8.43 19.22 -19.02
N PRO A 204 -7.26 19.88 -18.92
CA PRO A 204 -6.34 19.90 -20.07
C PRO A 204 -5.81 18.53 -20.41
N ALA A 205 -5.26 18.43 -21.63
CA ALA A 205 -4.88 17.13 -22.18
C ALA A 205 -3.74 16.49 -21.37
N ALA A 206 -2.77 17.29 -20.93
CA ALA A 206 -1.67 16.74 -20.14
C ALA A 206 -2.17 16.22 -18.79
N VAL A 207 -3.13 16.92 -18.18
CA VAL A 207 -3.72 16.45 -16.93
C VAL A 207 -4.48 15.16 -17.16
N GLN A 208 -5.23 15.08 -18.26
CA GLN A 208 -6.09 13.93 -18.50
C GLN A 208 -5.29 12.64 -18.68
N THR A 209 -4.13 12.72 -19.34
CA THR A 209 -3.31 11.53 -19.52
C THR A 209 -2.77 11.03 -18.19
N LEU A 210 -2.33 11.94 -17.31
CA LEU A 210 -1.80 11.52 -16.02
C LEU A 210 -2.88 10.90 -15.15
N VAL A 211 -4.09 11.47 -15.17
CA VAL A 211 -5.18 10.94 -14.35
C VAL A 211 -5.60 9.57 -14.85
N ARG A 212 -5.60 9.37 -16.18
CA ARG A 212 -5.91 8.05 -16.72
C ARG A 212 -4.87 7.03 -16.30
N ASN A 213 -3.59 7.42 -16.27
CA ASN A 213 -2.55 6.48 -15.85
C ASN A 213 -2.56 6.25 -14.35
N MET A 214 -2.99 7.25 -13.56
CA MET A 214 -3.16 7.02 -12.13
C MET A 214 -4.26 5.99 -11.87
N ARG A 215 -5.31 6.02 -12.69
CA ARG A 215 -6.37 5.04 -12.61
C ARG A 215 -5.82 3.62 -12.72
N TRP A 216 -4.91 3.40 -13.67
CA TRP A 216 -4.40 2.05 -13.92
C TRP A 216 -3.40 1.64 -12.84
N LEU A 217 -2.51 2.55 -12.43
CA LEU A 217 -1.55 2.21 -11.39
C LEU A 217 -2.25 1.83 -10.10
N LEU A 218 -3.33 2.54 -9.76
CA LEU A 218 -4.11 2.19 -8.58
C LEU A 218 -4.67 0.77 -8.70
N LEU A 219 -5.26 0.45 -9.85
CA LEU A 219 -5.86 -0.86 -10.04
C LEU A 219 -4.82 -1.97 -9.98
N LEU A 220 -3.69 -1.77 -10.66
CA LEU A 220 -2.70 -2.83 -10.76
C LEU A 220 -1.92 -3.01 -9.45
N SER A 221 -1.58 -1.91 -8.79
CA SER A 221 -0.81 -2.01 -7.54
C SER A 221 -1.66 -2.62 -6.42
N TRP A 222 -2.91 -2.16 -6.28
CA TRP A 222 -3.80 -2.74 -5.28
C TRP A 222 -4.16 -4.19 -5.61
N GLY A 223 -4.11 -4.58 -6.88
CA GLY A 223 -4.40 -5.96 -7.22
C GLY A 223 -3.32 -6.94 -6.80
N VAL A 224 -2.11 -6.44 -6.51
CA VAL A 224 -1.04 -7.34 -6.08
C VAL A 224 -1.36 -7.97 -4.73
N TYR A 225 -2.03 -7.21 -3.87
CA TYR A 225 -2.30 -7.70 -2.51
C TYR A 225 -3.13 -8.99 -2.49
N PRO A 226 -4.31 -9.06 -3.11
CA PRO A 226 -5.05 -10.34 -3.03
C PRO A 226 -4.37 -11.47 -3.78
N ILE A 227 -3.62 -11.17 -4.84
CA ILE A 227 -2.87 -12.21 -5.55
C ILE A 227 -1.80 -12.80 -4.63
N ALA A 228 -1.07 -11.94 -3.93
CA ALA A 228 -0.07 -12.43 -2.98
C ALA A 228 -0.74 -13.20 -1.85
N TYR A 229 -1.93 -12.76 -1.43
CA TYR A 229 -2.67 -13.47 -0.39
C TYR A 229 -3.05 -14.88 -0.83
N LEU A 230 -3.14 -15.12 -2.14
CA LEU A 230 -3.56 -16.41 -2.67
C LEU A 230 -2.44 -17.45 -2.69
N LEU A 231 -1.19 -17.05 -2.56
CA LEU A 231 -0.08 -17.99 -2.74
C LEU A 231 -0.15 -19.22 -1.85
N PRO A 232 -0.51 -19.14 -0.54
CA PRO A 232 -0.47 -20.35 0.29
C PRO A 232 -1.45 -21.45 -0.10
N MET A 233 -2.28 -21.18 -1.08
CA MET A 233 -3.24 -22.16 -1.52
C MET A 233 -3.06 -22.66 -2.93
N LEU A 234 -1.92 -22.40 -3.51
CA LEU A 234 -1.65 -22.84 -4.85
C LEU A 234 -0.76 -24.04 -4.86
N GLY A 235 -0.81 -24.77 -3.76
CA GLY A 235 0.05 -25.85 -3.30
C GLY A 235 1.29 -25.13 -2.88
N VAL A 236 2.42 -25.73 -3.20
CA VAL A 236 3.77 -25.27 -2.82
C VAL A 236 4.13 -25.35 -1.36
N SER A 237 5.42 -25.41 -1.13
CA SER A 237 5.84 -25.50 0.23
C SER A 237 5.37 -24.30 1.04
N GLY A 238 4.97 -24.58 2.23
CA GLY A 238 4.47 -23.57 3.16
C GLY A 238 5.47 -22.46 3.45
N THR A 239 6.76 -22.82 3.56
CA THR A 239 7.77 -21.81 3.78
C THR A 239 8.00 -20.97 2.52
N SER A 240 7.92 -21.59 1.35
CA SER A 240 8.01 -20.83 0.10
C SER A 240 6.80 -19.91 -0.07
N ALA A 241 5.62 -20.37 0.35
CA ALA A 241 4.44 -19.51 0.27
C ALA A 241 4.55 -18.33 1.21
N ALA A 242 5.03 -18.56 2.44
CA ALA A 242 5.15 -17.47 3.41
C ALA A 242 6.17 -16.44 2.97
N VAL A 243 7.27 -16.88 2.35
CA VAL A 243 8.24 -15.94 1.79
C VAL A 243 7.60 -15.12 0.68
N GLY A 244 6.82 -15.77 -0.19
CA GLY A 244 6.22 -15.06 -1.30
C GLY A 244 5.20 -14.03 -0.86
N VAL A 245 4.47 -14.32 0.21
CA VAL A 245 3.47 -13.38 0.72
C VAL A 245 4.14 -12.12 1.25
N GLN A 246 5.19 -12.29 2.05
CA GLN A 246 5.87 -11.14 2.63
C GLN A 246 6.53 -10.27 1.55
N VAL A 247 7.16 -10.91 0.57
CA VAL A 247 7.79 -10.15 -0.52
C VAL A 247 6.72 -9.47 -1.37
N GLY A 248 5.63 -10.18 -1.67
CA GLY A 248 4.59 -9.60 -2.50
C GLY A 248 3.95 -8.37 -1.89
N TYR A 249 3.61 -8.45 -0.60
CA TYR A 249 3.04 -7.29 0.09
C TYR A 249 4.02 -6.11 0.10
N THR A 250 5.32 -6.39 0.21
CA THR A 250 6.30 -5.31 0.32
C THR A 250 6.45 -4.58 -1.01
N ILE A 251 6.54 -5.32 -2.12
CA ILE A 251 6.60 -4.68 -3.44
C ILE A 251 5.32 -3.91 -3.70
N ALA A 252 4.17 -4.46 -3.29
CA ALA A 252 2.91 -3.77 -3.48
C ALA A 252 2.88 -2.45 -2.71
N ASP A 253 3.37 -2.46 -1.47
CA ASP A 253 3.44 -1.22 -0.69
C ASP A 253 4.30 -0.16 -1.38
N VAL A 254 5.40 -0.58 -2.00
CA VAL A 254 6.27 0.36 -2.71
C VAL A 254 5.55 0.94 -3.91
N LEU A 255 4.78 0.11 -4.63
CA LEU A 255 4.08 0.61 -5.80
C LEU A 255 2.93 1.53 -5.41
N ALA A 256 2.18 1.17 -4.37
CA ALA A 256 0.98 1.89 -3.99
C ALA A 256 1.25 3.14 -3.15
N LYS A 257 2.47 3.32 -2.62
CA LYS A 257 2.66 4.54 -1.83
C LYS A 257 3.68 5.47 -2.50
N PRO A 258 4.99 5.19 -2.53
CA PRO A 258 5.88 6.19 -3.15
C PRO A 258 5.74 6.30 -4.66
N VAL A 259 5.59 5.17 -5.38
CA VAL A 259 5.42 5.23 -6.83
C VAL A 259 4.13 5.95 -7.18
N PHE A 260 3.03 5.57 -6.52
CA PHE A 260 1.76 6.26 -6.69
C PHE A 260 1.89 7.74 -6.35
N GLY A 261 2.69 8.06 -5.34
CA GLY A 261 2.88 9.44 -4.95
C GLY A 261 3.59 10.27 -5.99
N LEU A 262 4.49 9.65 -6.76
CA LEU A 262 5.15 10.37 -7.84
C LEU A 262 4.16 10.79 -8.91
N LEU A 263 3.19 9.93 -9.21
CA LEU A 263 2.14 10.31 -10.17
C LEU A 263 1.30 11.46 -9.64
N VAL A 264 0.97 11.43 -8.34
CA VAL A 264 0.24 12.53 -7.74
C VAL A 264 1.05 13.82 -7.85
N PHE A 265 2.37 13.72 -7.66
CA PHE A 265 3.23 14.89 -7.77
C PHE A 265 3.22 15.47 -9.19
N ALA A 266 3.24 14.60 -10.20
CA ALA A 266 3.21 15.06 -11.59
C ALA A 266 1.88 15.76 -11.91
N ILE A 267 0.78 15.22 -11.39
CA ILE A 267 -0.52 15.85 -11.60
C ILE A 267 -0.53 17.25 -10.98
N ALA A 268 0.05 17.38 -9.78
CA ALA A 268 0.09 18.68 -9.11
C ALA A 268 0.95 19.67 -9.89
N LEU A 269 2.02 19.19 -10.53
CA LEU A 269 2.87 20.07 -11.33
C LEU A 269 2.11 20.61 -12.54
N VAL A 270 1.42 19.72 -13.27
CA VAL A 270 0.71 20.14 -14.48
C VAL A 270 -0.50 21.00 -14.12
N LYS A 271 -1.19 20.66 -13.03
CA LYS A 271 -2.31 21.49 -12.58
C LYS A 271 -1.84 22.88 -12.15
N THR A 272 -0.69 22.96 -11.47
CA THR A 272 -0.12 24.25 -11.11
C THR A 272 0.12 25.11 -12.35
N LYS A 273 0.60 24.49 -13.44
CA LYS A 273 0.86 25.25 -14.65
C LYS A 273 -0.43 25.67 -15.35
N ALA A 274 -1.44 24.80 -15.36
CA ALA A 274 -2.71 25.14 -16.00
C ALA A 274 -3.38 26.32 -15.30
N ASP A 275 -3.20 26.43 -13.98
CA ASP A 275 -3.61 27.63 -13.26
C ASP A 275 -2.73 28.83 -13.57
N GLN A 276 -1.67 28.64 -14.35
CA GLN A 276 -0.78 29.70 -14.78
C GLN A 276 -0.17 30.44 -13.60
#